data_1SVS
#
_entry.id   1SVS
#
_cell.length_a   79.317
_cell.length_b   79.317
_cell.length_c   105.141
_cell.angle_alpha   90.00
_cell.angle_beta   90.00
_cell.angle_gamma   120.00
#
_symmetry.space_group_name_H-M   'P 32 2 1'
#
loop_
_entity.id
_entity.type
_entity.pdbx_description
1 polymer 'Guanine nucleotide-binding protein G(i), alpha-1 subunit'
2 non-polymer 'MAGNESIUM ION'
3 non-polymer 'PHOSPHOAMINOPHOSPHONIC ACID-GUANYLATE ESTER'
4 water water
#
_entity_poly.entity_id   1
_entity_poly.type   'polypeptide(L)'
_entity_poly.pdbx_seq_one_letter_code
;GCTLSAEDKAAVERSKMIDRNLREDGEKAAREVKLLLLGAGESGKSTIVKQMKIIHEAGYSEEECKQYKAVVYSNTIQSI
IAIIRAMGRLKIDFGDAARADDARQLFVLAGAAEEGFMTAELAGVIKRLWKDSGVQACFNRSREYQLNDSAAYYLNDLDR
IAQPNYIPTQQDVLRTRVPTTGIVETHFTFKDLHFKMFDVGGQRSERKKWIHCFEGVTAIIFCVALSDYDLVLAEDEEMN
RMHESMKLFDSICNNKWFTDTSIILFLNKKDLFEEKIKKSPLTICYPEYAGSNTYEEAAAYIQCQFEDLNKRKDTKEIYT
HFTCATDTKNVQFVFDAVTDVIIKNNLKDCGLF
;
_entity_poly.pdbx_strand_id   A
#
loop_
_chem_comp.id
_chem_comp.type
_chem_comp.name
_chem_comp.formula
GNP non-polymer 'PHOSPHOAMINOPHOSPHONIC ACID-GUANYLATE ESTER' 'C10 H17 N6 O13 P3'
MG non-polymer 'MAGNESIUM ION' 'Mg 2'
#
# COMPACT_ATOMS: atom_id res chain seq x y z
N ARG A 31 -25.78 13.91 10.37
CA ARG A 31 -25.07 14.22 9.10
C ARG A 31 -23.57 13.97 9.23
N GLU A 32 -23.17 13.38 10.36
CA GLU A 32 -21.77 13.09 10.61
C GLU A 32 -21.50 11.60 10.50
N VAL A 33 -20.44 11.24 9.77
CA VAL A 33 -20.09 9.84 9.56
C VAL A 33 -18.63 9.59 9.96
N LYS A 34 -18.40 8.65 10.86
CA LYS A 34 -17.04 8.32 11.27
C LYS A 34 -16.61 7.04 10.58
N LEU A 35 -15.52 7.14 9.82
CA LEU A 35 -14.96 5.99 9.11
C LEU A 35 -13.63 5.64 9.74
N LEU A 36 -13.41 4.37 9.99
CA LEU A 36 -12.15 3.92 10.56
C LEU A 36 -11.46 2.95 9.61
N LEU A 37 -10.24 3.27 9.23
CA LEU A 37 -9.46 2.42 8.33
C LEU A 37 -8.60 1.47 9.14
N LEU A 38 -8.78 0.17 8.91
CA LEU A 38 -8.02 -0.85 9.62
C LEU A 38 -7.41 -1.81 8.61
N GLY A 39 -6.43 -2.58 9.08
CA GLY A 39 -5.76 -3.54 8.22
C GLY A 39 -4.30 -3.64 8.58
N ALA A 40 -3.64 -4.70 8.11
CA ALA A 40 -2.23 -4.91 8.39
C ALA A 40 -1.38 -3.85 7.73
N GLY A 41 -0.11 -3.77 8.14
CA GLY A 41 0.77 -2.79 7.56
C GLY A 41 0.90 -2.97 6.05
N GLU A 42 1.01 -1.83 5.35
CA GLU A 42 1.17 -1.80 3.89
C GLU A 42 -0.08 -2.18 3.10
N SER A 43 -1.23 -2.26 3.76
CA SER A 43 -2.45 -2.62 3.04
C SER A 43 -3.02 -1.51 2.18
N GLY A 44 -2.59 -0.27 2.42
CA GLY A 44 -3.06 0.85 1.62
C GLY A 44 -3.98 1.85 2.29
N LYS A 45 -4.14 1.73 3.61
CA LYS A 45 -5.02 2.61 4.37
C LYS A 45 -4.74 4.09 4.16
N SER A 46 -3.49 4.49 4.32
CA SER A 46 -3.13 5.91 4.18
C SER A 46 -3.28 6.43 2.76
N THR A 47 -3.21 5.53 1.79
CA THR A 47 -3.35 5.93 0.40
C THR A 47 -4.82 6.27 0.14
N ILE A 48 -5.72 5.52 0.78
CA ILE A 48 -7.14 5.80 0.64
C ILE A 48 -7.40 7.18 1.24
N VAL A 49 -6.74 7.49 2.36
CA VAL A 49 -6.89 8.79 3.00
C VAL A 49 -6.50 9.90 2.02
N LYS A 50 -5.38 9.73 1.34
CA LYS A 50 -4.92 10.72 0.38
C LYS A 50 -5.94 10.91 -0.75
N GLN A 51 -6.56 9.82 -1.18
CA GLN A 51 -7.55 9.89 -2.24
C GLN A 51 -8.76 10.72 -1.86
N MET A 52 -9.11 10.73 -0.57
CA MET A 52 -10.26 11.52 -0.15
C MET A 52 -9.95 13.00 -0.37
N LYS A 53 -8.71 13.40 -0.13
CA LYS A 53 -8.33 14.80 -0.33
C LYS A 53 -8.34 15.13 -1.82
N ILE A 54 -7.88 14.21 -2.63
CA ILE A 54 -7.83 14.44 -4.08
C ILE A 54 -9.22 14.46 -4.70
N ILE A 55 -10.07 13.53 -4.29
CA ILE A 55 -11.43 13.43 -4.83
C ILE A 55 -12.43 14.44 -4.27
N HIS A 56 -12.38 14.65 -2.97
CA HIS A 56 -13.34 15.55 -2.33
C HIS A 56 -12.82 16.91 -1.90
N GLU A 57 -11.50 17.08 -1.88
CA GLU A 57 -10.92 18.35 -1.45
C GLU A 57 -10.06 19.04 -2.52
N ALA A 58 -10.33 18.73 -3.78
CA ALA A 58 -9.60 19.35 -4.90
C ALA A 58 -8.11 19.06 -5.00
N GLY A 59 -7.65 17.98 -4.37
CA GLY A 59 -6.25 17.61 -4.46
C GLY A 59 -5.24 18.39 -3.65
N TYR A 60 -3.97 17.99 -3.80
CA TYR A 60 -2.87 18.63 -3.10
C TYR A 60 -2.37 19.84 -3.88
N SER A 61 -2.23 20.96 -3.18
CA SER A 61 -1.76 22.20 -3.78
C SER A 61 -0.27 22.10 -4.10
N GLU A 62 0.25 23.08 -4.82
CA GLU A 62 1.67 23.08 -5.16
C GLU A 62 2.52 23.04 -3.90
N GLU A 63 2.18 23.86 -2.92
CA GLU A 63 2.92 23.91 -1.65
C GLU A 63 2.86 22.57 -0.93
N GLU A 64 1.69 21.93 -0.95
CA GLU A 64 1.55 20.64 -0.29
C GLU A 64 2.36 19.57 -1.03
N CYS A 65 2.31 19.60 -2.36
CA CYS A 65 3.06 18.63 -3.16
C CYS A 65 4.56 18.76 -2.90
N LYS A 66 5.04 20.00 -2.77
CA LYS A 66 6.46 20.22 -2.52
C LYS A 66 6.91 19.60 -1.20
N GLN A 67 5.99 19.52 -0.24
CA GLN A 67 6.30 18.91 1.05
C GLN A 67 6.60 17.42 0.93
N TYR A 68 6.08 16.81 -0.14
CA TYR A 68 6.31 15.39 -0.38
C TYR A 68 7.54 15.13 -1.23
N LYS A 69 8.19 16.18 -1.71
CA LYS A 69 9.37 16.01 -2.55
C LYS A 69 10.45 15.19 -1.88
N ALA A 70 10.78 15.51 -0.63
CA ALA A 70 11.80 14.78 0.08
C ALA A 70 11.36 13.33 0.36
N VAL A 71 10.06 13.12 0.46
CA VAL A 71 9.54 11.77 0.71
C VAL A 71 9.72 10.94 -0.56
N VAL A 72 9.42 11.54 -1.71
CA VAL A 72 9.59 10.85 -2.97
C VAL A 72 11.06 10.49 -3.15
N TYR A 73 11.95 11.46 -2.92
CA TYR A 73 13.37 11.19 -3.07
C TYR A 73 13.87 10.14 -2.09
N SER A 74 13.43 10.22 -0.85
CA SER A 74 13.85 9.25 0.16
C SER A 74 13.36 7.85 -0.22
N ASN A 75 12.10 7.75 -0.65
CA ASN A 75 11.54 6.46 -1.05
C ASN A 75 12.35 5.88 -2.21
N THR A 76 12.71 6.74 -3.15
CA THR A 76 13.47 6.32 -4.32
C THR A 76 14.85 5.80 -3.94
N ILE A 77 15.56 6.57 -3.12
CA ILE A 77 16.90 6.17 -2.69
C ILE A 77 16.83 4.91 -1.83
N GLN A 78 15.85 4.83 -0.94
CA GLN A 78 15.72 3.65 -0.09
C GLN A 78 15.43 2.41 -0.90
N SER A 79 14.70 2.57 -2.00
CA SER A 79 14.36 1.45 -2.87
C SER A 79 15.58 0.88 -3.58
N ILE A 80 16.37 1.74 -4.21
CA ILE A 80 17.55 1.24 -4.90
C ILE A 80 18.54 0.67 -3.90
N ILE A 81 18.64 1.30 -2.72
CA ILE A 81 19.55 0.78 -1.70
C ILE A 81 19.09 -0.60 -1.22
N ALA A 82 17.79 -0.78 -1.06
CA ALA A 82 17.25 -2.07 -0.61
C ALA A 82 17.59 -3.17 -1.62
N ILE A 83 17.52 -2.84 -2.91
CA ILE A 83 17.82 -3.82 -3.93
C ILE A 83 19.32 -4.15 -3.88
N ILE A 84 20.15 -3.13 -3.73
CA ILE A 84 21.58 -3.33 -3.64
C ILE A 84 21.94 -4.16 -2.41
N ARG A 85 21.25 -3.93 -1.30
CA ARG A 85 21.50 -4.68 -0.09
C ARG A 85 21.13 -6.14 -0.32
N ALA A 86 20.00 -6.36 -0.98
CA ALA A 86 19.54 -7.72 -1.25
C ALA A 86 20.51 -8.48 -2.16
N MET A 87 21.17 -7.77 -3.06
CA MET A 87 22.13 -8.41 -3.96
C MET A 87 23.23 -9.08 -3.15
N GLY A 88 23.62 -8.44 -2.06
CA GLY A 88 24.66 -9.01 -1.22
C GLY A 88 24.17 -10.26 -0.52
N ARG A 89 22.96 -10.17 0.02
CA ARG A 89 22.34 -11.28 0.75
C ARG A 89 22.08 -12.49 -0.14
N LEU A 90 21.54 -12.25 -1.33
CA LEU A 90 21.21 -13.33 -2.27
C LEU A 90 22.37 -13.75 -3.17
N LYS A 91 23.48 -13.02 -3.08
CA LYS A 91 24.67 -13.30 -3.87
C LYS A 91 24.41 -13.11 -5.36
N ILE A 92 24.05 -11.89 -5.72
CA ILE A 92 23.77 -11.53 -7.10
C ILE A 92 24.79 -10.47 -7.52
N ASP A 93 25.51 -10.74 -8.62
CA ASP A 93 26.51 -9.79 -9.09
C ASP A 93 25.90 -8.76 -10.04
N PHE A 94 26.58 -7.64 -10.19
CA PHE A 94 26.14 -6.61 -11.12
C PHE A 94 26.35 -7.17 -12.53
N GLY A 95 25.48 -6.80 -13.46
CA GLY A 95 25.62 -7.26 -14.83
C GLY A 95 26.93 -6.72 -15.39
N ASP A 96 27.18 -5.44 -15.14
CA ASP A 96 28.40 -4.79 -15.61
C ASP A 96 29.23 -4.35 -14.40
N ALA A 97 30.49 -4.76 -14.39
CA ALA A 97 31.40 -4.44 -13.29
C ALA A 97 31.51 -2.94 -13.00
N ALA A 98 31.29 -2.12 -14.02
CA ALA A 98 31.37 -0.67 -13.86
C ALA A 98 30.36 -0.13 -12.84
N ARG A 99 29.31 -0.90 -12.57
CA ARG A 99 28.29 -0.46 -11.62
C ARG A 99 28.79 -0.47 -10.18
N ALA A 100 29.88 -1.18 -9.93
CA ALA A 100 30.44 -1.23 -8.58
C ALA A 100 30.78 0.18 -8.12
N ASP A 101 31.36 0.97 -9.02
CA ASP A 101 31.73 2.34 -8.69
C ASP A 101 30.49 3.22 -8.53
N ASP A 102 29.46 2.95 -9.33
CA ASP A 102 28.23 3.73 -9.22
C ASP A 102 27.61 3.46 -7.84
N ALA A 103 27.66 2.20 -7.41
CA ALA A 103 27.11 1.83 -6.11
C ALA A 103 27.86 2.59 -5.01
N ARG A 104 29.18 2.71 -5.18
CA ARG A 104 29.98 3.44 -4.20
C ARG A 104 29.55 4.90 -4.17
N GLN A 105 29.38 5.51 -5.35
CA GLN A 105 28.99 6.91 -5.42
C GLN A 105 27.57 7.14 -4.90
N LEU A 106 26.72 6.13 -5.01
CA LEU A 106 25.35 6.23 -4.53
C LEU A 106 25.33 6.62 -3.05
N PHE A 107 26.13 5.93 -2.25
CA PHE A 107 26.16 6.22 -0.83
C PHE A 107 26.81 7.57 -0.51
N VAL A 108 27.76 7.98 -1.35
CA VAL A 108 28.41 9.26 -1.16
C VAL A 108 27.44 10.42 -1.43
N LEU A 109 26.53 10.20 -2.37
CA LEU A 109 25.57 11.24 -2.76
C LEU A 109 24.16 11.10 -2.18
N ALA A 110 23.85 9.93 -1.65
CA ALA A 110 22.50 9.65 -1.12
C ALA A 110 21.95 10.64 -0.09
N GLY A 111 22.83 11.17 0.76
CA GLY A 111 22.40 12.09 1.79
C GLY A 111 21.57 13.27 1.32
N ALA A 112 21.81 13.73 0.09
CA ALA A 112 21.10 14.86 -0.49
C ALA A 112 19.61 14.60 -0.70
N ALA A 113 19.28 13.40 -1.19
CA ALA A 113 17.89 13.04 -1.46
C ALA A 113 16.98 13.27 -0.27
N GLU A 114 17.39 12.76 0.89
CA GLU A 114 16.62 12.90 2.11
C GLU A 114 16.33 14.36 2.46
N GLU A 115 17.15 15.27 1.96
CA GLU A 115 16.97 16.69 2.23
C GLU A 115 16.16 17.38 1.14
N GLY A 116 15.73 16.61 0.15
CA GLY A 116 14.93 17.18 -0.93
C GLY A 116 15.70 17.64 -2.16
N PHE A 117 16.93 17.16 -2.31
CA PHE A 117 17.74 17.54 -3.45
C PHE A 117 18.17 16.33 -4.27
N MET A 118 18.02 16.46 -5.59
CA MET A 118 18.37 15.38 -6.52
C MET A 118 19.23 15.90 -7.65
N THR A 119 20.54 15.85 -7.48
CA THR A 119 21.47 16.32 -8.51
C THR A 119 21.44 15.43 -9.74
N ALA A 120 21.89 15.97 -10.87
CA ALA A 120 21.91 15.22 -12.11
C ALA A 120 22.88 14.04 -11.95
N GLU A 121 23.91 14.24 -11.15
CA GLU A 121 24.90 13.20 -10.90
C GLU A 121 24.28 12.02 -10.16
N LEU A 122 23.54 12.30 -9.10
CA LEU A 122 22.91 11.24 -8.33
C LEU A 122 21.87 10.52 -9.19
N ALA A 123 21.12 11.29 -9.97
CA ALA A 123 20.11 10.70 -10.84
C ALA A 123 20.76 9.75 -11.84
N GLY A 124 21.92 10.16 -12.36
CA GLY A 124 22.64 9.33 -13.32
C GLY A 124 23.09 8.03 -12.70
N VAL A 125 23.60 8.12 -11.47
CA VAL A 125 24.07 6.93 -10.76
C VAL A 125 22.90 5.97 -10.55
N ILE A 126 21.77 6.48 -10.07
CA ILE A 126 20.61 5.64 -9.82
C ILE A 126 20.08 5.03 -11.11
N LYS A 127 20.04 5.82 -12.17
CA LYS A 127 19.55 5.35 -13.46
C LYS A 127 20.38 4.18 -13.97
N ARG A 128 21.70 4.31 -13.94
CA ARG A 128 22.58 3.26 -14.43
C ARG A 128 22.45 2.00 -13.58
N LEU A 129 22.29 2.16 -12.26
CA LEU A 129 22.13 1.00 -11.40
C LEU A 129 20.81 0.29 -11.69
N TRP A 130 19.74 1.07 -11.80
CA TRP A 130 18.41 0.51 -12.07
C TRP A 130 18.36 -0.25 -13.39
N LYS A 131 19.13 0.20 -14.37
CA LYS A 131 19.15 -0.45 -15.68
C LYS A 131 20.04 -1.70 -15.76
N ASP A 132 20.89 -1.89 -14.76
CA ASP A 132 21.79 -3.05 -14.73
C ASP A 132 21.01 -4.36 -14.66
N SER A 133 21.46 -5.36 -15.41
CA SER A 133 20.76 -6.66 -15.44
C SER A 133 20.81 -7.40 -14.10
N GLY A 134 21.89 -7.20 -13.33
CA GLY A 134 21.99 -7.85 -12.04
C GLY A 134 21.01 -7.22 -11.07
N VAL A 135 20.93 -5.89 -11.12
CA VAL A 135 20.00 -5.16 -10.25
C VAL A 135 18.58 -5.58 -10.60
N GLN A 136 18.31 -5.71 -11.90
CA GLN A 136 16.97 -6.12 -12.33
C GLN A 136 16.66 -7.54 -11.89
N ALA A 137 17.65 -8.43 -11.97
CA ALA A 137 17.44 -9.80 -11.55
C ALA A 137 17.05 -9.80 -10.08
N CYS A 138 17.70 -8.95 -9.29
CA CYS A 138 17.38 -8.88 -7.88
C CYS A 138 16.00 -8.27 -7.65
N PHE A 139 15.69 -7.22 -8.40
CA PHE A 139 14.40 -6.57 -8.29
C PHE A 139 13.28 -7.58 -8.50
N ASN A 140 13.45 -8.45 -9.49
CA ASN A 140 12.44 -9.46 -9.78
C ASN A 140 12.34 -10.59 -8.76
N ARG A 141 13.16 -10.54 -7.73
CA ARG A 141 13.14 -11.53 -6.67
C ARG A 141 12.77 -10.84 -5.35
N SER A 142 12.11 -9.69 -5.46
CA SER A 142 11.73 -8.90 -4.29
C SER A 142 10.89 -9.59 -3.23
N ARG A 143 10.23 -10.70 -3.56
CA ARG A 143 9.43 -11.37 -2.53
C ARG A 143 10.36 -11.98 -1.50
N GLU A 144 11.65 -12.07 -1.85
CA GLU A 144 12.66 -12.64 -0.97
C GLU A 144 13.22 -11.66 0.06
N TYR A 145 12.84 -10.39 -0.06
CA TYR A 145 13.28 -9.36 0.88
C TYR A 145 12.19 -8.30 0.95
N GLN A 146 12.41 -7.23 1.69
CA GLN A 146 11.41 -6.18 1.80
C GLN A 146 11.71 -5.01 0.86
N LEU A 147 10.80 -4.74 -0.07
CA LEU A 147 10.97 -3.65 -1.04
C LEU A 147 9.68 -2.87 -1.26
N ASN A 148 9.75 -1.54 -1.17
CA ASN A 148 8.56 -0.71 -1.37
C ASN A 148 7.87 -1.03 -2.69
N ASP A 149 6.54 -1.07 -2.67
CA ASP A 149 5.77 -1.36 -3.87
C ASP A 149 5.96 -0.31 -4.95
N SER A 150 6.29 0.92 -4.53
CA SER A 150 6.47 2.01 -5.49
C SER A 150 7.90 2.14 -6.01
N ALA A 151 8.74 1.15 -5.74
CA ALA A 151 10.12 1.20 -6.21
C ALA A 151 10.21 1.41 -7.72
N ALA A 152 9.56 0.53 -8.49
CA ALA A 152 9.59 0.64 -9.94
C ALA A 152 8.93 1.93 -10.42
N TYR A 153 7.84 2.32 -9.77
CA TYR A 153 7.14 3.54 -10.17
C TYR A 153 8.08 4.74 -10.19
N TYR A 154 8.85 4.93 -9.12
CA TYR A 154 9.77 6.06 -9.05
C TYR A 154 11.03 5.86 -9.89
N LEU A 155 11.62 4.68 -9.80
CA LEU A 155 12.85 4.42 -10.54
C LEU A 155 12.65 4.46 -12.06
N ASN A 156 11.45 4.16 -12.53
CA ASN A 156 11.18 4.22 -13.97
C ASN A 156 10.87 5.65 -14.41
N ASP A 157 10.71 6.54 -13.44
CA ASP A 157 10.39 7.94 -13.72
C ASP A 157 11.50 8.89 -13.26
N LEU A 158 12.72 8.36 -13.18
CA LEU A 158 13.86 9.14 -12.71
C LEU A 158 14.08 10.46 -13.47
N ASP A 159 13.99 10.43 -14.80
CA ASP A 159 14.19 11.64 -15.57
C ASP A 159 13.22 12.74 -15.21
N ARG A 160 11.98 12.38 -14.89
CA ARG A 160 10.98 13.37 -14.53
C ARG A 160 11.15 13.89 -13.10
N ILE A 161 11.33 13.00 -12.15
CA ILE A 161 11.47 13.44 -10.76
C ILE A 161 12.80 14.11 -10.46
N ALA A 162 13.80 13.89 -11.32
CA ALA A 162 15.11 14.49 -11.11
C ALA A 162 15.23 15.83 -11.82
N GLN A 163 14.18 16.20 -12.56
CA GLN A 163 14.18 17.46 -13.28
C GLN A 163 14.28 18.66 -12.35
N PRO A 164 14.91 19.75 -12.81
CA PRO A 164 15.05 20.94 -11.97
C PRO A 164 13.67 21.49 -11.62
N ASN A 165 13.51 21.91 -10.36
CA ASN A 165 12.24 22.45 -9.91
C ASN A 165 11.11 21.42 -9.97
N TYR A 166 11.47 20.15 -9.79
CA TYR A 166 10.49 19.07 -9.80
C TYR A 166 9.44 19.30 -8.72
N ILE A 167 8.18 19.08 -9.07
CA ILE A 167 7.07 19.21 -8.13
C ILE A 167 6.27 17.92 -8.22
N PRO A 168 6.19 17.16 -7.12
CA PRO A 168 5.43 15.91 -7.12
C PRO A 168 4.00 16.05 -7.67
N THR A 169 3.59 15.09 -8.47
CA THR A 169 2.23 15.07 -9.01
C THR A 169 1.34 14.41 -7.97
N GLN A 170 0.04 14.45 -8.20
CA GLN A 170 -0.89 13.81 -7.26
C GLN A 170 -0.53 12.32 -7.16
N GLN A 171 -0.24 11.70 -8.31
CA GLN A 171 0.12 10.29 -8.28
C GLN A 171 1.41 10.05 -7.50
N ASP A 172 2.38 10.95 -7.65
CA ASP A 172 3.63 10.80 -6.91
C ASP A 172 3.35 10.81 -5.41
N VAL A 173 2.43 11.68 -4.99
CA VAL A 173 2.07 11.77 -3.58
C VAL A 173 1.38 10.46 -3.14
N LEU A 174 0.45 9.98 -3.96
CA LEU A 174 -0.25 8.74 -3.64
C LEU A 174 0.71 7.56 -3.52
N ARG A 175 1.79 7.58 -4.28
CA ARG A 175 2.76 6.50 -4.29
C ARG A 175 3.76 6.52 -3.14
N THR A 176 3.80 7.61 -2.38
CA THR A 176 4.77 7.68 -1.28
C THR A 176 4.43 6.67 -0.19
N ARG A 177 5.47 6.21 0.50
CA ARG A 177 5.31 5.26 1.57
C ARG A 177 5.95 5.73 2.87
N VAL A 178 5.10 5.86 3.88
CA VAL A 178 5.56 6.25 5.21
C VAL A 178 4.60 5.55 6.16
N PRO A 179 5.05 4.46 6.81
CA PRO A 179 4.19 3.73 7.75
C PRO A 179 3.61 4.68 8.78
N THR A 180 2.33 4.47 9.08
CA THR A 180 1.63 5.32 10.03
C THR A 180 1.88 4.94 11.47
N THR A 181 2.18 5.95 12.28
CA THR A 181 2.37 5.77 13.71
C THR A 181 1.39 6.76 14.30
N GLY A 182 0.65 6.32 15.30
CA GLY A 182 -0.33 7.21 15.90
C GLY A 182 -1.64 7.15 15.15
N ILE A 183 -2.47 8.16 15.36
CA ILE A 183 -3.77 8.21 14.72
C ILE A 183 -3.93 9.47 13.87
N VAL A 184 -4.31 9.28 12.61
CA VAL A 184 -4.50 10.40 11.71
C VAL A 184 -6.00 10.63 11.51
N GLU A 185 -6.42 11.89 11.62
CA GLU A 185 -7.82 12.24 11.46
C GLU A 185 -7.98 13.26 10.35
N THR A 186 -8.82 12.93 9.36
CA THR A 186 -9.07 13.81 8.24
C THR A 186 -10.57 14.05 8.10
N HIS A 187 -10.93 15.24 7.64
CA HIS A 187 -12.33 15.60 7.47
C HIS A 187 -12.62 16.05 6.04
N PHE A 188 -13.81 15.73 5.55
CA PHE A 188 -14.23 16.14 4.21
C PHE A 188 -15.73 16.01 4.08
N THR A 189 -16.30 16.75 3.12
CA THR A 189 -17.73 16.72 2.89
C THR A 189 -18.03 16.04 1.56
N PHE A 190 -19.06 15.20 1.57
CA PHE A 190 -19.46 14.47 0.37
C PHE A 190 -20.92 14.07 0.53
N LYS A 191 -21.71 14.31 -0.51
CA LYS A 191 -23.13 13.98 -0.49
C LYS A 191 -23.83 14.60 0.72
N ASP A 192 -23.48 15.86 1.01
CA ASP A 192 -24.05 16.61 2.12
C ASP A 192 -23.75 16.00 3.48
N LEU A 193 -22.78 15.08 3.51
CA LEU A 193 -22.40 14.42 4.77
C LEU A 193 -21.01 14.89 5.20
N HIS A 194 -20.82 15.02 6.51
CA HIS A 194 -19.53 15.42 7.06
C HIS A 194 -18.80 14.17 7.50
N PHE A 195 -17.80 13.77 6.71
CA PHE A 195 -17.00 12.58 7.03
C PHE A 195 -15.82 12.88 7.92
N LYS A 196 -15.60 11.99 8.88
CA LYS A 196 -14.46 12.09 9.80
C LYS A 196 -13.78 10.74 9.61
N MET A 197 -12.64 10.76 8.90
CA MET A 197 -11.91 9.54 8.61
C MET A 197 -10.70 9.37 9.51
N PHE A 198 -10.60 8.21 10.13
CA PHE A 198 -9.50 7.90 11.03
C PHE A 198 -8.62 6.82 10.42
N ASP A 199 -7.32 7.05 10.50
CA ASP A 199 -6.32 6.16 9.94
C ASP A 199 -5.31 5.81 11.02
N VAL A 200 -4.96 4.54 11.12
CA VAL A 200 -4.00 4.08 12.11
C VAL A 200 -2.98 3.16 11.47
N GLY A 201 -1.87 2.93 12.17
CA GLY A 201 -0.84 2.06 11.64
C GLY A 201 -1.23 0.60 11.79
N GLY A 202 -0.85 -0.22 10.81
CA GLY A 202 -1.18 -1.63 10.85
C GLY A 202 -0.03 -2.54 11.24
N GLN A 203 1.17 -1.98 11.38
CA GLN A 203 2.31 -2.80 11.78
C GLN A 203 2.02 -3.33 13.18
N ARG A 204 2.54 -4.50 13.52
CA ARG A 204 2.29 -5.10 14.82
C ARG A 204 2.44 -4.17 16.03
N SER A 205 3.50 -3.37 16.03
CA SER A 205 3.74 -2.45 17.15
C SER A 205 2.69 -1.35 17.29
N GLU A 206 1.90 -1.12 16.25
CA GLU A 206 0.88 -0.07 16.28
C GLU A 206 -0.54 -0.58 16.54
N ARG A 207 -0.76 -1.89 16.44
CA ARG A 207 -2.10 -2.43 16.64
C ARG A 207 -2.70 -2.22 18.02
N LYS A 208 -1.85 -2.03 19.01
CA LYS A 208 -2.33 -1.81 20.38
C LYS A 208 -3.09 -0.49 20.46
N LYS A 209 -2.93 0.36 19.45
CA LYS A 209 -3.59 1.66 19.44
C LYS A 209 -4.94 1.66 18.73
N TRP A 210 -5.27 0.58 18.06
CA TRP A 210 -6.53 0.52 17.34
C TRP A 210 -7.73 0.80 18.25
N ILE A 211 -7.69 0.24 19.45
CA ILE A 211 -8.80 0.42 20.39
C ILE A 211 -9.11 1.87 20.74
N HIS A 212 -8.16 2.78 20.57
CA HIS A 212 -8.41 4.18 20.88
C HIS A 212 -9.42 4.80 19.90
N CYS A 213 -9.64 4.12 18.77
CA CYS A 213 -10.56 4.61 17.74
C CYS A 213 -11.88 3.85 17.65
N PHE A 214 -12.11 2.93 18.58
CA PHE A 214 -13.31 2.10 18.54
C PHE A 214 -14.67 2.73 18.87
N GLU A 215 -14.68 3.95 19.38
CA GLU A 215 -15.95 4.59 19.73
C GLU A 215 -16.69 5.29 18.59
N GLY A 216 -18.01 5.07 18.54
CA GLY A 216 -18.86 5.71 17.54
C GLY A 216 -18.50 5.56 16.07
N VAL A 217 -18.04 4.37 15.69
CA VAL A 217 -17.66 4.12 14.31
C VAL A 217 -18.88 3.79 13.46
N THR A 218 -19.08 4.56 12.40
CA THR A 218 -20.20 4.34 11.49
C THR A 218 -19.88 3.17 10.58
N ALA A 219 -18.65 3.15 10.09
CA ALA A 219 -18.21 2.08 9.19
C ALA A 219 -16.72 1.87 9.28
N ILE A 220 -16.31 0.62 9.15
CA ILE A 220 -14.91 0.26 9.16
C ILE A 220 -14.55 -0.10 7.72
N ILE A 221 -13.43 0.42 7.24
CA ILE A 221 -12.97 0.06 5.90
C ILE A 221 -11.71 -0.75 6.21
N PHE A 222 -11.84 -2.07 6.11
CA PHE A 222 -10.72 -2.96 6.39
C PHE A 222 -9.99 -3.22 5.08
N CYS A 223 -8.73 -2.83 5.04
CA CYS A 223 -7.91 -2.99 3.84
C CYS A 223 -7.03 -4.22 3.87
N VAL A 224 -6.96 -4.89 2.72
CA VAL A 224 -6.14 -6.09 2.55
C VAL A 224 -5.32 -5.95 1.27
N ALA A 225 -4.03 -6.24 1.35
CA ALA A 225 -3.19 -6.17 0.16
C ALA A 225 -3.27 -7.53 -0.53
N LEU A 226 -4.01 -7.60 -1.63
CA LEU A 226 -4.16 -8.85 -2.36
C LEU A 226 -2.81 -9.47 -2.74
N SER A 227 -1.87 -8.61 -3.10
CA SER A 227 -0.55 -9.04 -3.51
C SER A 227 0.34 -9.56 -2.38
N ASP A 228 -0.19 -9.58 -1.16
CA ASP A 228 0.57 -10.05 0.01
C ASP A 228 0.57 -11.56 0.16
N TYR A 229 -0.18 -12.26 -0.70
CA TYR A 229 -0.28 -13.70 -0.56
C TYR A 229 1.01 -14.50 -0.57
N ASP A 230 2.05 -14.02 -1.25
CA ASP A 230 3.31 -14.75 -1.28
C ASP A 230 4.42 -14.03 -0.53
N LEU A 231 4.04 -13.11 0.36
CA LEU A 231 5.00 -12.34 1.13
C LEU A 231 4.96 -12.65 2.62
N VAL A 232 6.00 -12.22 3.33
CA VAL A 232 6.10 -12.41 4.77
C VAL A 232 6.16 -11.04 5.43
N LEU A 233 5.81 -10.99 6.71
CA LEU A 233 5.82 -9.74 7.47
C LEU A 233 7.23 -9.23 7.69
N ALA A 234 7.39 -7.90 7.63
CA ALA A 234 8.70 -7.30 7.86
C ALA A 234 9.04 -7.47 9.34
N GLU A 235 8.00 -7.64 10.16
CA GLU A 235 8.17 -7.83 11.60
C GLU A 235 8.55 -9.28 11.90
N ASP A 236 8.19 -10.19 11.00
CA ASP A 236 8.49 -11.60 11.17
C ASP A 236 8.45 -12.32 9.83
N GLU A 237 9.61 -12.77 9.37
CA GLU A 237 9.72 -13.46 8.09
C GLU A 237 9.17 -14.89 8.12
N GLU A 238 8.60 -15.29 9.24
CA GLU A 238 8.03 -16.63 9.38
C GLU A 238 6.51 -16.59 9.24
N MET A 239 5.95 -15.39 9.20
CA MET A 239 4.51 -15.24 9.09
C MET A 239 4.07 -14.73 7.71
N ASN A 240 3.19 -15.49 7.07
CA ASN A 240 2.67 -15.10 5.76
C ASN A 240 1.79 -13.87 5.98
N ARG A 241 2.02 -12.84 5.19
CA ARG A 241 1.28 -11.59 5.30
C ARG A 241 -0.22 -11.72 5.20
N MET A 242 -0.69 -12.53 4.25
CA MET A 242 -2.13 -12.68 4.07
C MET A 242 -2.76 -13.42 5.25
N HIS A 243 -2.04 -14.39 5.80
CA HIS A 243 -2.55 -15.13 6.94
C HIS A 243 -2.73 -14.15 8.11
N GLU A 244 -1.79 -13.24 8.26
CA GLU A 244 -1.84 -12.24 9.32
C GLU A 244 -3.09 -11.38 9.13
N SER A 245 -3.30 -10.95 7.88
CA SER A 245 -4.45 -10.11 7.56
C SER A 245 -5.75 -10.82 7.89
N MET A 246 -5.82 -12.11 7.58
CA MET A 246 -7.02 -12.88 7.87
C MET A 246 -7.32 -12.92 9.36
N LYS A 247 -6.28 -13.13 10.17
CA LYS A 247 -6.45 -13.17 11.61
C LYS A 247 -7.02 -11.84 12.12
N LEU A 248 -6.51 -10.75 11.58
CA LEU A 248 -6.98 -9.43 11.98
C LEU A 248 -8.44 -9.22 11.56
N PHE A 249 -8.77 -9.62 10.33
CA PHE A 249 -10.14 -9.45 9.85
C PHE A 249 -11.10 -10.28 10.69
N ASP A 250 -10.69 -11.49 11.02
CA ASP A 250 -11.51 -12.40 11.84
C ASP A 250 -11.86 -11.70 13.15
N SER A 251 -10.85 -11.11 13.78
CA SER A 251 -11.01 -10.42 15.04
C SER A 251 -11.98 -9.23 14.95
N ILE A 252 -11.77 -8.38 13.96
CA ILE A 252 -12.60 -7.21 13.79
C ILE A 252 -14.03 -7.50 13.36
N CYS A 253 -14.19 -8.25 12.28
CA CYS A 253 -15.50 -8.57 11.75
C CYS A 253 -16.41 -9.24 12.76
N ASN A 254 -15.86 -10.13 13.57
CA ASN A 254 -16.65 -10.86 14.56
C ASN A 254 -16.73 -10.23 15.95
N ASN A 255 -16.15 -9.05 16.10
CA ASN A 255 -16.19 -8.37 17.39
C ASN A 255 -17.62 -7.86 17.62
N LYS A 256 -18.26 -8.34 18.67
CA LYS A 256 -19.63 -7.94 18.99
C LYS A 256 -19.79 -6.42 19.12
N TRP A 257 -18.71 -5.74 19.47
CA TRP A 257 -18.75 -4.29 19.60
C TRP A 257 -19.12 -3.63 18.27
N PHE A 258 -18.77 -4.28 17.17
CA PHE A 258 -19.06 -3.74 15.84
C PHE A 258 -20.29 -4.31 15.14
N THR A 259 -21.20 -4.92 15.89
CA THR A 259 -22.40 -5.49 15.28
C THR A 259 -23.17 -4.48 14.43
N ASP A 260 -23.33 -3.27 14.93
CA ASP A 260 -24.07 -2.24 14.20
C ASP A 260 -23.19 -1.32 13.36
N THR A 261 -21.93 -1.71 13.19
CA THR A 261 -21.00 -0.92 12.40
C THR A 261 -20.85 -1.63 11.06
N SER A 262 -21.02 -0.88 9.97
CA SER A 262 -20.88 -1.49 8.64
C SER A 262 -19.44 -1.92 8.43
N ILE A 263 -19.27 -3.14 7.93
CA ILE A 263 -17.94 -3.68 7.66
C ILE A 263 -17.69 -3.67 6.16
N ILE A 264 -16.78 -2.81 5.73
CA ILE A 264 -16.43 -2.68 4.33
C ILE A 264 -15.06 -3.33 4.19
N LEU A 265 -14.94 -4.19 3.19
CA LEU A 265 -13.68 -4.89 2.95
C LEU A 265 -13.09 -4.45 1.62
N PHE A 266 -11.93 -3.81 1.67
CA PHE A 266 -11.25 -3.38 0.46
C PHE A 266 -10.13 -4.36 0.15
N LEU A 267 -10.32 -5.17 -0.88
CA LEU A 267 -9.29 -6.10 -1.32
C LEU A 267 -8.50 -5.24 -2.29
N ASN A 268 -7.45 -4.63 -1.73
CA ASN A 268 -6.60 -3.65 -2.40
C ASN A 268 -5.39 -4.20 -3.17
N LYS A 269 -4.71 -3.30 -3.87
CA LYS A 269 -3.54 -3.66 -4.68
C LYS A 269 -3.92 -4.69 -5.74
N LYS A 270 -5.11 -4.53 -6.31
CA LYS A 270 -5.57 -5.46 -7.33
C LYS A 270 -4.69 -5.39 -8.58
N ASP A 271 -4.05 -4.24 -8.79
CA ASP A 271 -3.17 -4.07 -9.94
C ASP A 271 -1.91 -4.93 -9.77
N LEU A 272 -1.33 -4.89 -8.59
CA LEU A 272 -0.14 -5.69 -8.31
C LEU A 272 -0.51 -7.17 -8.30
N PHE A 273 -1.70 -7.48 -7.81
CA PHE A 273 -2.17 -8.85 -7.75
C PHE A 273 -2.33 -9.45 -9.15
N GLU A 274 -2.91 -8.67 -10.06
CA GLU A 274 -3.12 -9.13 -11.43
C GLU A 274 -1.81 -9.53 -12.10
N GLU A 275 -0.75 -8.78 -11.82
CA GLU A 275 0.54 -9.08 -12.42
C GLU A 275 1.21 -10.26 -11.73
N LYS A 276 1.12 -10.31 -10.41
CA LYS A 276 1.74 -11.36 -9.62
C LYS A 276 1.13 -12.75 -9.76
N ILE A 277 -0.19 -12.81 -9.86
CA ILE A 277 -0.86 -14.10 -9.95
C ILE A 277 -0.43 -14.90 -11.19
N LYS A 278 0.10 -14.20 -12.18
CA LYS A 278 0.55 -14.85 -13.40
C LYS A 278 1.86 -15.60 -13.23
N LYS A 279 2.65 -15.22 -12.22
CA LYS A 279 3.95 -15.85 -12.01
C LYS A 279 4.23 -16.45 -10.65
N SER A 280 3.35 -16.21 -9.67
CA SER A 280 3.56 -16.76 -8.34
C SER A 280 2.33 -17.52 -7.87
N PRO A 281 2.46 -18.84 -7.65
CA PRO A 281 1.35 -19.69 -7.21
C PRO A 281 0.63 -19.25 -5.93
N LEU A 282 -0.69 -19.17 -6.00
CA LEU A 282 -1.50 -18.79 -4.84
C LEU A 282 -1.44 -19.89 -3.78
N THR A 283 -1.03 -21.09 -4.19
CA THR A 283 -0.93 -22.22 -3.27
C THR A 283 0.11 -21.96 -2.17
N ILE A 284 0.96 -20.96 -2.38
CA ILE A 284 1.96 -20.61 -1.38
C ILE A 284 1.24 -20.15 -0.13
N CYS A 285 0.09 -19.51 -0.33
CA CYS A 285 -0.73 -19.01 0.76
C CYS A 285 -1.85 -19.98 1.11
N TYR A 286 -2.53 -20.49 0.08
CA TYR A 286 -3.63 -21.42 0.27
C TYR A 286 -3.34 -22.73 -0.48
N PRO A 287 -2.73 -23.69 0.21
CA PRO A 287 -2.38 -25.01 -0.36
C PRO A 287 -3.52 -25.72 -1.09
N GLU A 288 -4.75 -25.46 -0.68
CA GLU A 288 -5.91 -26.10 -1.29
C GLU A 288 -6.46 -25.44 -2.55
N TYR A 289 -5.91 -24.30 -2.93
CA TYR A 289 -6.38 -23.60 -4.12
C TYR A 289 -6.18 -24.46 -5.37
N ALA A 290 -7.27 -24.69 -6.09
CA ALA A 290 -7.21 -25.52 -7.30
C ALA A 290 -7.50 -24.74 -8.58
N GLY A 291 -7.64 -23.43 -8.47
CA GLY A 291 -7.91 -22.62 -9.64
C GLY A 291 -6.66 -22.33 -10.46
N SER A 292 -6.85 -21.59 -11.56
CA SER A 292 -5.73 -21.23 -12.43
C SER A 292 -4.99 -20.00 -11.95
N ASN A 293 -3.88 -19.69 -12.61
CA ASN A 293 -3.06 -18.53 -12.27
C ASN A 293 -3.60 -17.30 -13.00
N THR A 294 -4.89 -17.04 -12.78
CA THR A 294 -5.55 -15.91 -13.42
C THR A 294 -6.26 -15.05 -12.38
N TYR A 295 -6.42 -13.78 -12.71
CA TYR A 295 -7.04 -12.82 -11.82
C TYR A 295 -8.43 -13.14 -11.26
N GLU A 296 -9.40 -13.38 -12.13
CA GLU A 296 -10.77 -13.63 -11.68
C GLU A 296 -10.94 -14.77 -10.70
N GLU A 297 -10.45 -15.95 -11.04
CA GLU A 297 -10.57 -17.11 -10.17
C GLU A 297 -9.84 -16.91 -8.85
N ALA A 298 -8.61 -16.41 -8.93
CA ALA A 298 -7.81 -16.21 -7.73
C ALA A 298 -8.38 -15.12 -6.82
N ALA A 299 -8.85 -14.02 -7.42
CA ALA A 299 -9.41 -12.92 -6.64
C ALA A 299 -10.68 -13.40 -5.92
N ALA A 300 -11.54 -14.11 -6.63
CA ALA A 300 -12.76 -14.60 -6.02
C ALA A 300 -12.45 -15.57 -4.88
N TYR A 301 -11.42 -16.39 -5.05
CA TYR A 301 -11.04 -17.34 -4.03
C TYR A 301 -10.61 -16.62 -2.75
N ILE A 302 -9.78 -15.60 -2.90
CA ILE A 302 -9.32 -14.84 -1.74
C ILE A 302 -10.49 -14.16 -1.06
N GLN A 303 -11.39 -13.60 -1.86
CA GLN A 303 -12.57 -12.94 -1.29
C GLN A 303 -13.34 -13.95 -0.44
N CYS A 304 -13.51 -15.15 -0.95
CA CYS A 304 -14.23 -16.18 -0.20
C CYS A 304 -13.53 -16.57 1.08
N GLN A 305 -12.19 -16.61 1.05
CA GLN A 305 -11.42 -16.95 2.24
C GLN A 305 -11.67 -15.94 3.35
N PHE A 306 -11.72 -14.66 2.99
CA PHE A 306 -11.97 -13.63 3.99
C PHE A 306 -13.42 -13.59 4.43
N GLU A 307 -14.35 -13.66 3.48
CA GLU A 307 -15.76 -13.60 3.84
C GLU A 307 -16.19 -14.81 4.66
N ASP A 308 -15.51 -15.95 4.50
CA ASP A 308 -15.85 -17.14 5.26
C ASP A 308 -15.50 -17.02 6.74
N LEU A 309 -14.69 -16.01 7.07
CA LEU A 309 -14.30 -15.79 8.47
C LEU A 309 -15.47 -15.23 9.28
N ASN A 310 -16.48 -14.72 8.58
CA ASN A 310 -17.66 -14.16 9.22
C ASN A 310 -18.41 -15.31 9.92
N LYS A 311 -18.55 -15.22 11.24
CA LYS A 311 -19.22 -16.26 12.01
C LYS A 311 -20.74 -16.11 12.06
N ARG A 312 -21.24 -14.98 11.57
CA ARG A 312 -22.68 -14.70 11.58
C ARG A 312 -23.11 -14.26 10.18
N LYS A 313 -22.92 -15.15 9.21
CA LYS A 313 -23.25 -14.85 7.82
C LYS A 313 -24.67 -14.39 7.52
N ASP A 314 -25.65 -14.84 8.30
CA ASP A 314 -27.02 -14.42 8.03
C ASP A 314 -27.41 -13.09 8.66
N THR A 315 -26.71 -12.68 9.71
CA THR A 315 -27.04 -11.43 10.38
C THR A 315 -26.02 -10.30 10.22
N LYS A 316 -24.84 -10.62 9.69
CA LYS A 316 -23.80 -9.63 9.51
C LYS A 316 -23.31 -9.64 8.07
N GLU A 317 -23.47 -8.51 7.38
CA GLU A 317 -23.04 -8.46 5.99
C GLU A 317 -21.70 -7.75 5.82
N ILE A 318 -20.91 -8.24 4.88
CA ILE A 318 -19.61 -7.64 4.57
C ILE A 318 -19.77 -7.06 3.18
N TYR A 319 -19.37 -5.81 3.01
CA TYR A 319 -19.45 -5.13 1.71
C TYR A 319 -18.05 -5.13 1.13
N THR A 320 -17.81 -6.03 0.19
CA THR A 320 -16.50 -6.18 -0.43
C THR A 320 -16.31 -5.48 -1.76
N HIS A 321 -15.17 -4.78 -1.88
CA HIS A 321 -14.80 -4.08 -3.10
C HIS A 321 -13.35 -4.38 -3.41
N PHE A 322 -13.06 -4.55 -4.69
CA PHE A 322 -11.69 -4.77 -5.14
C PHE A 322 -11.20 -3.40 -5.55
N THR A 323 -10.05 -3.01 -5.03
CA THR A 323 -9.52 -1.68 -5.29
C THR A 323 -8.05 -1.60 -5.65
N CYS A 324 -7.71 -0.43 -6.19
CA CYS A 324 -6.32 -0.06 -6.49
C CYS A 324 -6.31 1.32 -5.86
N ALA A 325 -5.86 1.40 -4.62
CA ALA A 325 -5.86 2.64 -3.86
C ALA A 325 -5.16 3.83 -4.50
N THR A 326 -4.19 3.57 -5.38
CA THR A 326 -3.47 4.66 -6.04
C THR A 326 -4.20 5.17 -7.28
N ASP A 327 -5.22 4.43 -7.70
CA ASP A 327 -6.01 4.79 -8.89
C ASP A 327 -7.19 5.65 -8.44
N THR A 328 -7.10 6.95 -8.66
CA THR A 328 -8.16 7.87 -8.24
C THR A 328 -9.55 7.55 -8.81
N LYS A 329 -9.61 7.19 -10.09
CA LYS A 329 -10.91 6.89 -10.68
C LYS A 329 -11.54 5.66 -10.02
N ASN A 330 -10.74 4.63 -9.78
CA ASN A 330 -11.27 3.44 -9.14
C ASN A 330 -11.78 3.76 -7.75
N VAL A 331 -10.98 4.47 -6.97
CA VAL A 331 -11.39 4.82 -5.61
C VAL A 331 -12.61 5.72 -5.60
N GLN A 332 -12.71 6.63 -6.58
CA GLN A 332 -13.85 7.53 -6.63
C GLN A 332 -15.15 6.74 -6.80
N PHE A 333 -15.16 5.82 -7.77
CA PHE A 333 -16.36 5.03 -8.01
C PHE A 333 -16.66 4.07 -6.87
N VAL A 334 -15.62 3.44 -6.31
CA VAL A 334 -15.83 2.53 -5.19
C VAL A 334 -16.34 3.29 -3.97
N PHE A 335 -15.74 4.44 -3.67
CA PHE A 335 -16.18 5.21 -2.52
C PHE A 335 -17.60 5.73 -2.69
N ASP A 336 -17.97 6.03 -3.92
CA ASP A 336 -19.32 6.50 -4.19
C ASP A 336 -20.28 5.37 -3.82
N ALA A 337 -19.95 4.15 -4.25
CA ALA A 337 -20.78 2.99 -3.95
C ALA A 337 -20.83 2.74 -2.45
N VAL A 338 -19.69 2.87 -1.77
CA VAL A 338 -19.61 2.67 -0.33
C VAL A 338 -20.47 3.67 0.42
N THR A 339 -20.42 4.93 -0.02
CA THR A 339 -21.19 5.98 0.62
C THR A 339 -22.68 5.71 0.51
N ASP A 340 -23.12 5.15 -0.62
CA ASP A 340 -24.53 4.85 -0.80
C ASP A 340 -24.99 3.80 0.22
N VAL A 341 -24.16 2.79 0.46
CA VAL A 341 -24.50 1.75 1.42
C VAL A 341 -24.58 2.33 2.83
N ILE A 342 -23.65 3.21 3.16
CA ILE A 342 -23.62 3.83 4.48
C ILE A 342 -24.86 4.68 4.73
N ILE A 343 -25.25 5.46 3.73
CA ILE A 343 -26.42 6.31 3.84
C ILE A 343 -27.70 5.50 4.02
N LYS A 344 -27.82 4.42 3.25
CA LYS A 344 -29.00 3.57 3.31
C LYS A 344 -29.08 2.70 4.57
N ASN A 345 -27.92 2.29 5.09
CA ASN A 345 -27.89 1.43 6.28
C ASN A 345 -27.77 2.18 7.60
N ASN A 346 -26.92 3.19 7.66
CA ASN A 346 -26.74 3.95 8.89
C ASN A 346 -27.58 5.22 8.91
MG MG B . -0.67 4.20 6.95
PG GNP C . 0.66 1.31 7.68
O1G GNP C . 2.09 0.93 8.00
O2G GNP C . 0.44 2.73 8.07
O3G GNP C . -0.36 0.40 8.27
N3B GNP C . 0.63 1.20 5.96
PB GNP C . -0.76 1.54 5.09
O1B GNP C . -1.19 2.89 5.34
O2B GNP C . -1.72 0.41 5.16
O3A GNP C . -0.17 1.58 3.56
PA GNP C . 0.09 2.81 2.62
O1A GNP C . -1.20 3.44 2.30
O2A GNP C . 1.19 3.63 3.26
O5' GNP C . 0.61 2.17 1.35
C5' GNP C . 1.87 1.48 1.28
C4' GNP C . 2.39 1.58 -0.12
O4' GNP C . 1.66 0.91 -1.09
C3' GNP C . 2.48 3.06 -0.65
O3' GNP C . 3.74 3.28 -1.33
C2' GNP C . 1.29 3.17 -1.61
O2' GNP C . 1.45 4.11 -2.61
C1' GNP C . 1.26 1.76 -2.14
N9 GNP C . -0.07 1.30 -2.55
C8 GNP C . -1.27 1.37 -1.70
N7 GNP C . -2.30 0.87 -2.33
C5 GNP C . -1.77 0.45 -3.64
C6 GNP C . -2.45 -0.19 -4.76
O6 GNP C . -3.58 -0.51 -4.84
N1 GNP C . -1.58 -0.42 -5.82
C2 GNP C . -0.26 -0.04 -5.70
N2 GNP C . 0.44 -0.37 -6.90
N3 GNP C . 0.42 0.51 -4.76
C4 GNP C . -0.43 0.74 -3.72
#